data_2WZ6
#
_entry.id   2WZ6
#
_cell.length_a   38.996
_cell.length_b   68.025
_cell.length_c   50.633
_cell.angle_alpha   90.00
_cell.angle_beta   105.88
_cell.angle_gamma   90.00
#
_symmetry.space_group_name_H-M   'P 1 21 1'
#
loop_
_entity.id
_entity.type
_entity.pdbx_description
1 polymer 'SUPEROXIDE DISMUTASE [CU-ZN]'
2 non-polymer 'ZINC ION'
3 non-polymer 'COPPER (II) ION'
4 non-polymer 4-(4-METHYL-1,4-DIAZEPAN-1-YL)-2-(TRIFLUOROMETHYL)QUINAZOLINE
5 non-polymer 'SULFATE ION'
6 water water
#
_entity_poly.entity_id   1
_entity_poly.type   'polypeptide(L)'
_entity_poly.pdbx_seq_one_letter_code
;ATKAVCVLKGDGPVQGIINFEQKESNGPVKVWGSIKGLTEGLHGFHVHEFGDNTAGCTSAGPHFNPLSRKHGGPKDEERH
VGDLGNVTADKDAVADVSIEDSVISLSGDHCIIGRTLVVHEKADDLGKGGNEESTKTGNAGSRLACGVIGIAQ
;
_entity_poly.pdbx_strand_id   A,F
#
# COMPACT_ATOMS: atom_id res chain seq x y z
N ALA A 1 20.13 -3.64 -0.28
CA ALA A 1 18.97 -4.06 0.60
C ALA A 1 17.67 -3.39 0.21
N THR A 2 16.58 -4.15 0.24
CA THR A 2 15.24 -3.64 -0.03
C THR A 2 14.59 -3.56 1.36
N LYS A 3 13.76 -2.55 1.57
CA LYS A 3 12.99 -2.41 2.78
C LYS A 3 11.55 -2.11 2.42
N ALA A 4 10.63 -2.62 3.24
CA ALA A 4 9.21 -2.35 3.05
C ALA A 4 8.58 -2.10 4.42
N VAL A 5 7.38 -1.60 4.43
CA VAL A 5 6.71 -1.26 5.68
C VAL A 5 5.21 -1.39 5.50
N CYS A 6 4.49 -1.66 6.59
CA CYS A 6 3.05 -1.79 6.56
C CYS A 6 2.44 -1.24 7.87
N VAL A 7 1.46 -0.34 7.77
CA VAL A 7 0.64 0.12 8.90
C VAL A 7 -0.67 -0.68 8.95
N LEU A 8 -0.85 -1.45 10.03
CA LEU A 8 -2.07 -2.25 10.22
C LEU A 8 -3.11 -1.45 10.97
N LYS A 9 -4.31 -1.35 10.44
CA LYS A 9 -5.39 -0.63 11.16
C LYS A 9 -6.66 -1.38 11.06
N GLY A 10 -7.40 -1.34 12.17
CA GLY A 10 -8.71 -1.91 12.30
C GLY A 10 -9.30 -1.52 13.63
N ASP A 11 -10.55 -1.97 13.83
CA ASP A 11 -11.40 -1.58 14.94
C ASP A 11 -10.85 -2.17 16.23
N GLY A 12 -10.78 -1.37 17.29
CA GLY A 12 -10.28 -1.86 18.57
C GLY A 12 -9.89 -0.77 19.55
N PRO A 13 -8.83 -0.02 19.24
CA PRO A 13 -8.07 -0.15 18.00
C PRO A 13 -7.23 -1.43 18.00
N VAL A 14 -7.22 -2.15 16.87
CA VAL A 14 -6.13 -3.09 16.56
C VAL A 14 -5.26 -2.31 15.62
N GLN A 15 -4.02 -2.05 16.05
CA GLN A 15 -3.11 -1.12 15.36
C GLN A 15 -1.70 -1.65 15.44
N GLY A 16 -0.96 -1.63 14.33
CA GLY A 16 0.46 -2.03 14.38
C GLY A 16 1.32 -1.47 13.26
N ILE A 17 2.63 -1.56 13.44
CA ILE A 17 3.61 -1.18 12.43
CA ILE A 17 3.56 -1.19 12.40
C ILE A 17 4.50 -2.39 12.19
N ILE A 18 4.64 -2.84 10.93
CA ILE A 18 5.45 -4.02 10.63
C ILE A 18 6.43 -3.67 9.55
N ASN A 19 7.70 -3.89 9.87
CA ASN A 19 8.81 -3.63 9.02
C ASN A 19 9.31 -4.89 8.33
N PHE A 20 9.80 -4.76 7.10
CA PHE A 20 10.43 -5.80 6.31
C PHE A 20 11.79 -5.38 5.76
N GLU A 21 12.79 -6.29 5.81
CA GLU A 21 14.11 -6.04 5.27
C GLU A 21 14.69 -7.28 4.61
N GLN A 22 15.20 -7.13 3.38
CA GLN A 22 15.78 -8.21 2.59
C GLN A 22 17.11 -7.71 2.03
N LYS A 23 18.21 -8.20 2.61
CA LYS A 23 19.57 -7.77 2.22
C LYS A 23 19.89 -8.01 0.78
N GLU A 24 19.35 -9.08 0.21
CA GLU A 24 19.61 -9.47 -1.18
C GLU A 24 18.43 -10.26 -1.74
N SER A 25 18.23 -10.18 -3.05
CA SER A 25 16.98 -10.67 -3.65
C SER A 25 16.87 -12.19 -3.68
N ASN A 26 17.98 -12.90 -3.56
CA ASN A 26 17.98 -14.36 -3.39
C ASN A 26 17.96 -14.77 -1.91
N GLY A 27 17.63 -13.83 -1.02
CA GLY A 27 17.78 -14.05 0.41
C GLY A 27 16.50 -13.98 1.21
N PRO A 28 16.57 -14.40 2.49
CA PRO A 28 15.41 -14.26 3.39
C PRO A 28 14.99 -12.84 3.69
N VAL A 29 13.71 -12.70 4.04
CA VAL A 29 13.11 -11.44 4.51
C VAL A 29 12.92 -11.49 6.01
N LYS A 30 13.48 -10.50 6.72
CA LYS A 30 13.28 -10.33 8.15
C LYS A 30 12.04 -9.44 8.35
N VAL A 31 11.16 -9.82 9.27
CA VAL A 31 9.86 -9.16 9.46
C VAL A 31 9.76 -8.89 10.98
N TRP A 32 9.59 -7.65 11.38
CA TRP A 32 9.47 -7.29 12.78
C TRP A 32 8.63 -6.07 13.05
N GLY A 33 8.08 -6.04 14.26
CA GLY A 33 7.26 -4.93 14.72
C GLY A 33 6.37 -5.27 15.90
N SER A 34 5.35 -4.45 16.07
CA SER A 34 4.42 -4.57 17.18
C SER A 34 3.00 -4.39 16.73
N ILE A 35 2.08 -5.13 17.36
CA ILE A 35 0.62 -4.97 17.13
C ILE A 35 -0.05 -4.90 18.50
N LYS A 36 -0.85 -3.86 18.69
CA LYS A 36 -1.60 -3.66 19.95
C LYS A 36 -3.11 -3.80 19.73
N GLY A 37 -3.82 -4.12 20.82
CA GLY A 37 -5.27 -4.26 20.80
C GLY A 37 -5.82 -5.65 20.53
N LEU A 38 -4.93 -6.65 20.51
CA LEU A 38 -5.27 -8.07 20.27
C LEU A 38 -5.64 -8.83 21.53
N THR A 39 -6.62 -9.71 21.43
CA THR A 39 -6.93 -10.63 22.52
C THR A 39 -5.78 -11.62 22.76
N GLU A 40 -5.68 -12.12 23.99
CA GLU A 40 -4.60 -13.07 24.33
C GLU A 40 -4.66 -14.34 23.49
N GLY A 41 -3.50 -14.76 22.97
CA GLY A 41 -3.40 -15.98 22.21
C GLY A 41 -2.94 -15.74 20.79
N LEU A 42 -3.16 -16.73 19.95
CA LEU A 42 -2.66 -16.73 18.57
C LEU A 42 -3.61 -16.01 17.61
N HIS A 43 -2.99 -15.30 16.66
CA HIS A 43 -3.74 -14.61 15.61
C HIS A 43 -3.06 -14.86 14.26
N GLY A 44 -3.84 -15.35 13.29
CA GLY A 44 -3.30 -15.69 12.00
C GLY A 44 -2.75 -14.44 11.33
N PHE A 45 -1.72 -14.64 10.53
CA PHE A 45 -0.86 -13.52 10.03
C PHE A 45 -0.43 -13.83 8.62
N HIS A 46 -1.05 -13.13 7.66
CA HIS A 46 -0.91 -13.52 6.28
C HIS A 46 -0.74 -12.37 5.32
N VAL A 47 -0.04 -12.62 4.20
CA VAL A 47 -0.07 -11.67 3.06
C VAL A 47 -1.22 -12.18 2.17
N HIS A 48 -2.15 -11.27 1.90
CA HIS A 48 -3.29 -11.54 1.00
C HIS A 48 -3.02 -10.92 -0.36
N GLU A 49 -3.73 -11.37 -1.39
CA GLU A 49 -3.34 -11.19 -2.76
C GLU A 49 -3.38 -9.73 -3.27
N PHE A 50 -4.44 -9.01 -2.98
CA PHE A 50 -4.63 -7.67 -3.53
C PHE A 50 -4.32 -6.60 -2.50
N GLY A 51 -3.66 -5.51 -2.92
CA GLY A 51 -3.48 -4.34 -2.08
C GLY A 51 -4.67 -3.41 -2.21
N ASP A 52 -5.84 -3.97 -2.02
CA ASP A 52 -7.10 -3.26 -2.24
C ASP A 52 -7.82 -3.21 -0.89
N ASN A 53 -7.99 -2.02 -0.36
CA ASN A 53 -8.71 -1.72 0.87
CA ASN A 53 -8.76 -1.85 0.86
C ASN A 53 -10.01 -0.96 0.61
N THR A 54 -10.51 -1.00 -0.62
CA THR A 54 -11.64 -0.14 -0.98
CA THR A 54 -11.67 -0.21 -1.05
C THR A 54 -12.82 -0.33 -0.03
N ALA A 55 -13.13 -1.57 0.30
CA ALA A 55 -14.27 -1.79 1.17
C ALA A 55 -13.87 -2.38 2.53
N GLY A 56 -12.64 -2.11 2.97
CA GLY A 56 -12.06 -2.70 4.18
C GLY A 56 -11.16 -3.86 3.81
N CYS A 57 -10.72 -4.61 4.83
CA CYS A 57 -9.82 -5.76 4.61
C CYS A 57 -10.39 -6.92 3.75
N THR A 58 -11.72 -7.05 3.63
CA THR A 58 -12.33 -8.04 2.77
C THR A 58 -11.93 -7.86 1.29
N SER A 59 -11.66 -6.61 0.86
CA SER A 59 -11.24 -6.36 -0.51
C SER A 59 -9.90 -6.98 -0.95
N ALA A 60 -9.07 -7.37 0.04
CA ALA A 60 -7.75 -7.93 -0.21
C ALA A 60 -7.74 -9.34 -0.79
N GLY A 61 -8.91 -10.00 -0.77
CA GLY A 61 -9.00 -11.30 -1.35
C GLY A 61 -8.36 -12.44 -0.55
N PRO A 62 -8.02 -13.53 -1.26
CA PRO A 62 -7.52 -14.74 -0.63
C PRO A 62 -6.03 -14.62 -0.25
N HIS A 63 -5.44 -15.63 0.38
CA HIS A 63 -4.00 -15.58 0.60
C HIS A 63 -3.18 -15.51 -0.69
N PHE A 64 -2.11 -14.72 -0.68
CA PHE A 64 -1.22 -14.64 -1.85
C PHE A 64 -0.63 -16.04 -2.14
N ASN A 65 -0.94 -16.57 -3.32
CA ASN A 65 -0.65 -17.96 -3.66
C ASN A 65 -0.23 -18.05 -5.14
N PRO A 66 0.90 -17.44 -5.51
CA PRO A 66 1.31 -17.47 -6.89
C PRO A 66 1.58 -18.87 -7.48
N LEU A 67 1.91 -19.83 -6.62
CA LEU A 67 2.29 -21.19 -7.06
C LEU A 67 1.13 -22.19 -6.97
N SER A 68 -0.10 -21.74 -6.67
CA SER A 68 -1.28 -22.63 -6.65
C SER A 68 -1.16 -23.81 -5.69
N ARG A 69 -0.62 -23.56 -4.51
CA ARG A 69 -0.42 -24.58 -3.47
CA ARG A 69 -0.47 -24.63 -3.51
C ARG A 69 -1.57 -24.59 -2.45
N LYS A 70 -1.57 -25.57 -1.55
CA LYS A 70 -2.49 -25.54 -0.42
C LYS A 70 -1.91 -24.76 0.78
N HIS A 71 -2.80 -24.32 1.67
CA HIS A 71 -2.44 -23.59 2.89
C HIS A 71 -1.58 -24.38 3.83
N GLY A 72 -0.60 -23.73 4.44
CA GLY A 72 0.24 -24.35 5.47
C GLY A 72 0.82 -23.34 6.44
N GLY A 73 1.71 -23.82 7.30
CA GLY A 73 2.58 -22.94 8.11
C GLY A 73 3.85 -22.52 7.39
N PRO A 74 4.56 -21.51 7.93
CA PRO A 74 5.77 -20.95 7.34
C PRO A 74 6.93 -21.93 7.13
N LYS A 75 7.02 -22.94 8.00
CA LYS A 75 8.04 -23.98 7.90
C LYS A 75 7.66 -25.16 6.98
N ASP A 76 6.43 -25.16 6.45
CA ASP A 76 6.01 -26.22 5.53
C ASP A 76 6.46 -25.97 4.08
N GLU A 77 6.81 -27.04 3.38
CA GLU A 77 7.03 -26.97 1.93
C GLU A 77 5.73 -26.64 1.21
N GLU A 78 4.66 -27.33 1.60
CA GLU A 78 3.33 -27.10 1.03
C GLU A 78 2.68 -25.92 1.76
N ARG A 79 2.78 -24.73 1.17
CA ARG A 79 2.20 -23.49 1.77
C ARG A 79 1.91 -22.49 0.66
N HIS A 80 1.04 -21.54 0.95
CA HIS A 80 0.94 -20.35 0.11
C HIS A 80 2.15 -19.46 0.37
N VAL A 81 2.56 -18.68 -0.63
CA VAL A 81 3.62 -17.68 -0.37
C VAL A 81 3.27 -16.75 0.83
N GLY A 82 2.00 -16.37 0.96
CA GLY A 82 1.51 -15.51 2.00
C GLY A 82 1.37 -16.06 3.38
N ASP A 83 1.73 -17.33 3.56
CA ASP A 83 1.52 -18.00 4.86
C ASP A 83 2.62 -17.75 5.87
N LEU A 84 2.35 -16.77 6.74
CA LEU A 84 3.32 -16.37 7.77
C LEU A 84 2.97 -16.85 9.20
N GLY A 85 2.01 -17.75 9.31
CA GLY A 85 1.74 -18.39 10.60
C GLY A 85 0.84 -17.59 11.50
N ASN A 86 1.31 -17.44 12.74
CA ASN A 86 0.60 -16.73 13.78
C ASN A 86 1.51 -15.73 14.46
N VAL A 87 0.91 -14.62 14.90
CA VAL A 87 1.55 -13.78 15.93
C VAL A 87 0.80 -14.05 17.26
N THR A 88 1.53 -14.02 18.36
CA THR A 88 0.98 -14.30 19.68
C THR A 88 0.89 -13.05 20.55
N ALA A 89 -0.30 -12.82 21.11
CA ALA A 89 -0.51 -11.71 22.03
C ALA A 89 -0.65 -12.22 23.46
N ASP A 90 -0.08 -11.44 24.37
CA ASP A 90 -0.17 -11.75 25.79
CA ASP A 90 -0.17 -11.74 25.80
C ASP A 90 -1.30 -10.94 26.43
N LYS A 91 -1.46 -11.04 27.74
CA LYS A 91 -2.56 -10.32 28.44
C LYS A 91 -2.48 -8.81 28.27
N ASP A 92 -1.29 -8.29 27.96
CA ASP A 92 -1.14 -6.85 27.79
CA ASP A 92 -1.05 -6.88 27.75
C ASP A 92 -1.60 -6.40 26.40
N ALA A 93 -2.20 -7.34 25.65
CA ALA A 93 -2.85 -7.07 24.34
C ALA A 93 -1.90 -6.75 23.21
N VAL A 94 -0.60 -6.97 23.45
CA VAL A 94 0.43 -6.75 22.45
C VAL A 94 1.07 -8.05 21.92
N ALA A 95 1.20 -8.12 20.59
CA ALA A 95 2.05 -9.12 19.96
C ALA A 95 3.33 -8.46 19.45
N ASP A 96 4.46 -8.95 19.95
CA ASP A 96 5.77 -8.67 19.43
C ASP A 96 5.99 -9.58 18.23
N VAL A 97 6.32 -9.00 17.07
CA VAL A 97 6.45 -9.75 15.82
C VAL A 97 7.92 -9.86 15.48
N SER A 98 8.35 -11.09 15.23
CA SER A 98 9.75 -11.36 14.91
C SER A 98 9.82 -12.66 14.12
N ILE A 99 9.94 -12.51 12.80
CA ILE A 99 9.77 -13.61 11.82
C ILE A 99 10.93 -13.49 10.79
N GLU A 100 11.56 -14.58 10.41
CA GLU A 100 12.45 -14.62 9.25
C GLU A 100 11.87 -15.65 8.25
N ASP A 101 11.64 -15.26 7.00
CA ASP A 101 10.99 -16.12 6.04
C ASP A 101 11.75 -16.14 4.71
N SER A 102 11.90 -17.33 4.14
CA SER A 102 12.65 -17.55 2.88
C SER A 102 11.76 -17.67 1.63
N VAL A 103 10.45 -17.59 1.81
CA VAL A 103 9.51 -17.75 0.70
C VAL A 103 8.94 -16.42 0.22
N ILE A 104 8.51 -15.52 1.13
CA ILE A 104 8.16 -14.16 0.70
C ILE A 104 9.43 -13.47 0.12
N SER A 105 9.20 -12.41 -0.66
N SER A 105 9.21 -12.42 -0.67
CA SER A 105 10.29 -11.62 -1.21
CA SER A 105 10.31 -11.60 -1.17
C SER A 105 9.84 -10.18 -1.39
C SER A 105 9.85 -10.18 -1.38
N LEU A 106 10.81 -9.27 -1.55
CA LEU A 106 10.51 -7.86 -1.85
C LEU A 106 10.83 -7.51 -3.31
N SER A 107 11.03 -8.53 -4.14
CA SER A 107 11.10 -8.38 -5.62
C SER A 107 10.86 -9.71 -6.29
N GLY A 108 10.65 -9.74 -7.61
CA GLY A 108 10.32 -10.99 -8.30
C GLY A 108 8.86 -11.38 -8.23
N ASP A 109 8.49 -12.58 -8.71
CA ASP A 109 7.05 -12.94 -8.72
C ASP A 109 6.54 -13.49 -7.38
N HIS A 110 7.43 -13.62 -6.40
CA HIS A 110 6.97 -13.79 -5.03
C HIS A 110 6.95 -12.49 -4.22
N CYS A 111 7.04 -11.35 -4.92
CA CYS A 111 7.03 -10.05 -4.27
C CYS A 111 5.73 -9.74 -3.60
N ILE A 112 5.85 -9.23 -2.38
CA ILE A 112 4.69 -8.88 -1.53
C ILE A 112 4.39 -7.36 -1.46
N ILE A 113 5.29 -6.53 -1.99
CA ILE A 113 5.04 -5.10 -2.09
C ILE A 113 3.77 -4.86 -2.92
N GLY A 114 2.89 -4.00 -2.40
CA GLY A 114 1.62 -3.71 -3.07
C GLY A 114 0.50 -4.67 -2.73
N ARG A 115 0.77 -5.63 -1.87
CA ARG A 115 -0.28 -6.60 -1.42
C ARG A 115 -0.68 -6.20 0.01
N THR A 116 -1.57 -6.95 0.68
CA THR A 116 -2.15 -6.54 1.96
C THR A 116 -1.67 -7.52 3.02
N LEU A 117 -1.15 -7.00 4.12
CA LEU A 117 -0.87 -7.81 5.32
C LEU A 117 -2.08 -7.77 6.23
N VAL A 118 -2.48 -8.94 6.76
CA VAL A 118 -3.74 -9.05 7.55
C VAL A 118 -3.41 -9.78 8.86
N VAL A 119 -3.94 -9.28 9.97
CA VAL A 119 -3.90 -10.06 11.24
C VAL A 119 -5.37 -10.42 11.57
N HIS A 120 -5.55 -11.67 11.94
CA HIS A 120 -6.87 -12.32 12.09
C HIS A 120 -7.37 -12.48 13.52
N GLU A 121 -8.67 -12.78 13.61
CA GLU A 121 -9.43 -12.91 14.84
C GLU A 121 -8.90 -14.07 15.70
N LYS A 122 -8.66 -15.19 15.05
CA LYS A 122 -8.35 -16.46 15.71
C LYS A 122 -7.00 -17.06 15.26
N ALA A 123 -6.65 -18.18 15.88
CA ALA A 123 -5.49 -18.93 15.42
C ALA A 123 -5.58 -19.53 13.99
N ASP A 124 -4.45 -19.48 13.27
CA ASP A 124 -4.18 -20.26 12.08
C ASP A 124 -3.78 -21.68 12.52
N ASP A 125 -4.51 -22.66 12.05
CA ASP A 125 -4.16 -24.08 12.33
C ASP A 125 -3.05 -24.66 11.48
N LEU A 126 -2.46 -23.82 10.63
CA LEU A 126 -1.29 -24.16 9.79
C LEU A 126 -1.55 -25.32 8.85
N GLY A 127 -2.81 -25.45 8.46
CA GLY A 127 -3.25 -26.51 7.53
C GLY A 127 -3.31 -27.90 8.09
N LYS A 128 -3.23 -28.01 9.41
CA LYS A 128 -3.23 -29.31 10.11
C LYS A 128 -4.55 -29.55 10.83
N GLY A 129 -5.56 -28.75 10.52
CA GLY A 129 -6.83 -28.84 11.22
C GLY A 129 -7.72 -29.94 10.64
N GLY A 130 -8.89 -30.13 11.21
CA GLY A 130 -9.77 -31.21 10.71
C GLY A 130 -10.24 -31.22 9.24
N ASN A 131 -10.15 -30.08 8.54
CA ASN A 131 -11.10 -29.83 7.47
C ASN A 131 -10.68 -29.20 6.13
N GLU A 132 -11.68 -29.09 5.26
CA GLU A 132 -11.60 -28.42 3.95
C GLU A 132 -11.01 -27.04 4.10
N GLU A 133 -11.51 -26.32 5.11
CA GLU A 133 -11.13 -24.93 5.25
C GLU A 133 -9.67 -24.76 5.71
N SER A 134 -9.14 -25.73 6.46
CA SER A 134 -7.77 -25.69 6.99
C SER A 134 -6.78 -25.57 5.82
N THR A 135 -7.09 -26.26 4.72
CA THR A 135 -6.25 -26.27 3.52
C THR A 135 -6.40 -25.01 2.67
N LYS A 136 -7.28 -24.10 3.07
CA LYS A 136 -7.50 -22.86 2.31
C LYS A 136 -7.19 -21.60 3.14
N THR A 137 -7.77 -21.48 4.35
CA THR A 137 -7.55 -20.30 5.18
C THR A 137 -6.87 -20.55 6.52
N GLY A 138 -6.72 -21.81 6.91
CA GLY A 138 -6.25 -22.16 8.25
C GLY A 138 -7.22 -21.87 9.38
N ASN A 139 -8.47 -21.52 9.05
CA ASN A 139 -9.55 -21.30 10.03
C ASN A 139 -9.29 -20.13 10.99
N ALA A 140 -8.60 -19.11 10.48
CA ALA A 140 -8.19 -18.00 11.32
C ALA A 140 -9.21 -16.88 11.53
N GLY A 141 -10.39 -16.96 10.92
CA GLY A 141 -11.47 -16.08 11.29
C GLY A 141 -11.41 -14.72 10.60
N SER A 142 -12.04 -13.75 11.23
CA SER A 142 -12.26 -12.45 10.57
C SER A 142 -10.97 -11.64 10.55
N ARG A 143 -10.98 -10.58 9.75
CA ARG A 143 -9.80 -9.77 9.51
C ARG A 143 -9.88 -8.58 10.45
N LEU A 144 -9.02 -8.58 11.45
CA LEU A 144 -9.09 -7.57 12.51
C LEU A 144 -8.44 -6.25 12.08
N ALA A 145 -7.35 -6.34 11.34
CA ALA A 145 -6.62 -5.16 10.91
C ALA A 145 -5.79 -5.54 9.68
N CYS A 146 -5.51 -4.55 8.86
CA CYS A 146 -4.75 -4.78 7.62
C CYS A 146 -4.14 -3.47 7.15
N GLY A 147 -3.27 -3.61 6.17
CA GLY A 147 -2.72 -2.50 5.44
C GLY A 147 -1.98 -2.94 4.20
N VAL A 148 -1.71 -1.96 3.33
CA VAL A 148 -1.00 -2.26 2.10
C VAL A 148 0.51 -2.20 2.38
N ILE A 149 1.24 -3.15 1.84
CA ILE A 149 2.70 -3.20 2.03
C ILE A 149 3.42 -2.26 1.04
N GLY A 150 4.21 -1.32 1.56
CA GLY A 150 4.79 -0.29 0.70
C GLY A 150 6.31 -0.29 0.78
N ILE A 151 6.95 0.30 -0.21
CA ILE A 151 8.40 0.43 -0.29
C ILE A 151 8.85 1.45 0.78
N ALA A 152 9.90 1.12 1.53
CA ALA A 152 10.43 1.96 2.62
C ALA A 152 11.81 2.51 2.22
N GLN A 153 12.16 3.59 2.91
CA GLN A 153 13.44 4.28 2.75
C GLN A 153 14.57 3.46 3.35
N ALA B 1 -3.41 -7.04 -19.15
CA ALA B 1 -3.93 -5.86 -18.40
C ALA B 1 -3.50 -5.92 -16.95
N THR B 2 -3.05 -4.80 -16.40
CA THR B 2 -2.79 -4.76 -14.96
C THR B 2 -3.52 -3.56 -14.34
N LYS B 3 -3.88 -3.74 -13.08
CA LYS B 3 -4.74 -2.85 -12.35
C LYS B 3 -4.16 -2.57 -10.98
N ALA B 4 -4.40 -1.35 -10.51
CA ALA B 4 -3.96 -0.93 -9.19
C ALA B 4 -5.02 -0.03 -8.57
N VAL B 5 -4.93 0.18 -7.28
CA VAL B 5 -5.95 0.93 -6.55
C VAL B 5 -5.32 1.63 -5.34
N CYS B 6 -5.92 2.75 -4.92
CA CYS B 6 -5.47 3.50 -3.76
C CYS B 6 -6.64 4.13 -3.02
N VAL B 7 -6.72 3.90 -1.71
CA VAL B 7 -7.65 4.53 -0.81
C VAL B 7 -6.97 5.72 -0.15
N LEU B 8 -7.45 6.94 -0.43
CA LEU B 8 -6.93 8.17 0.18
C LEU B 8 -7.63 8.53 1.49
N LYS B 9 -6.87 8.68 2.55
CA LYS B 9 -7.37 9.04 3.91
C LYS B 9 -6.35 9.99 4.55
N GLY B 10 -6.79 10.82 5.49
CA GLY B 10 -5.90 11.71 6.24
C GLY B 10 -6.50 12.03 7.60
N ASP B 11 -6.07 13.15 8.18
CA ASP B 11 -6.50 13.58 9.53
C ASP B 11 -7.76 14.46 9.53
N GLY B 12 -8.20 14.91 8.35
CA GLY B 12 -9.37 15.81 8.25
C GLY B 12 -10.48 15.21 7.41
N PRO B 13 -11.24 16.06 6.70
CA PRO B 13 -12.39 15.69 5.92
C PRO B 13 -12.12 14.98 4.57
N VAL B 14 -10.87 14.99 4.10
CA VAL B 14 -10.57 14.53 2.74
C VAL B 14 -10.43 13.02 2.60
N GLN B 15 -11.23 12.42 1.72
CA GLN B 15 -11.13 10.96 1.45
C GLN B 15 -11.47 10.65 0.02
N GLY B 16 -10.81 9.64 -0.54
CA GLY B 16 -11.11 9.22 -1.91
C GLY B 16 -10.68 7.82 -2.28
N ILE B 17 -11.08 7.41 -3.47
CA ILE B 17 -10.71 6.18 -4.10
C ILE B 17 -10.27 6.44 -5.51
N ILE B 18 -9.06 5.99 -5.86
CA ILE B 18 -8.45 6.16 -7.16
C ILE B 18 -8.03 4.83 -7.73
N ASN B 19 -8.49 4.55 -8.95
CA ASN B 19 -8.18 3.35 -9.69
C ASN B 19 -7.15 3.63 -10.77
N PHE B 20 -6.35 2.64 -11.12
CA PHE B 20 -5.35 2.66 -12.18
C PHE B 20 -5.49 1.44 -13.10
N GLU B 21 -5.38 1.63 -14.42
CA GLU B 21 -5.42 0.54 -15.39
C GLU B 21 -4.38 0.73 -16.49
N GLN B 22 -3.57 -0.28 -16.75
CA GLN B 22 -2.57 -0.25 -17.82
C GLN B 22 -2.73 -1.50 -18.68
N LYS B 23 -3.25 -1.30 -19.90
CA LYS B 23 -3.52 -2.41 -20.83
C LYS B 23 -2.27 -3.15 -21.32
N GLU B 24 -1.15 -2.44 -21.46
CA GLU B 24 0.11 -2.99 -21.99
C GLU B 24 1.29 -2.39 -21.23
N SER B 25 2.32 -3.19 -20.98
CA SER B 25 3.43 -2.80 -20.11
C SER B 25 4.17 -1.52 -20.56
N ASN B 26 4.14 -1.25 -21.85
CA ASN B 26 4.75 -0.02 -22.40
C ASN B 26 3.72 1.02 -22.78
N GLY B 27 2.51 0.85 -22.29
CA GLY B 27 1.42 1.72 -22.65
C GLY B 27 1.06 2.69 -21.53
N PRO B 28 0.17 3.63 -21.82
CA PRO B 28 -0.29 4.60 -20.86
C PRO B 28 -1.11 3.96 -19.75
N VAL B 29 -1.23 4.71 -18.67
CA VAL B 29 -1.99 4.32 -17.49
C VAL B 29 -3.18 5.25 -17.37
N LYS B 30 -4.39 4.68 -17.31
CA LYS B 30 -5.56 5.45 -17.05
C LYS B 30 -5.80 5.55 -15.54
N VAL B 31 -6.14 6.73 -15.05
CA VAL B 31 -6.24 7.02 -13.59
C VAL B 31 -7.62 7.66 -13.41
N TRP B 32 -8.49 7.09 -12.59
CA TRP B 32 -9.84 7.64 -12.39
C TRP B 32 -10.44 7.37 -11.01
N GLY B 33 -11.30 8.28 -10.59
CA GLY B 33 -11.99 8.13 -9.33
C GLY B 33 -12.56 9.40 -8.80
N SER B 34 -12.76 9.47 -7.49
CA SER B 34 -13.32 10.66 -6.85
C SER B 34 -12.66 10.95 -5.52
N ILE B 35 -12.58 12.23 -5.18
CA ILE B 35 -12.10 12.71 -3.87
C ILE B 35 -13.13 13.72 -3.34
N LYS B 36 -13.52 13.54 -2.09
CA LYS B 36 -14.44 14.44 -1.39
C LYS B 36 -13.79 15.14 -0.21
N GLY B 37 -14.41 16.22 0.26
CA GLY B 37 -13.90 17.00 1.40
C GLY B 37 -12.90 18.11 1.07
N LEU B 38 -12.72 18.37 -0.24
CA LEU B 38 -11.73 19.33 -0.77
C LEU B 38 -12.28 20.74 -0.89
N THR B 39 -11.48 21.74 -0.53
CA THR B 39 -11.84 23.12 -0.85
C THR B 39 -11.93 23.34 -2.36
N GLU B 40 -12.76 24.28 -2.76
CA GLU B 40 -12.88 24.67 -4.18
C GLU B 40 -11.56 25.12 -4.80
N GLY B 41 -11.22 24.55 -5.96
CA GLY B 41 -10.05 24.93 -6.68
C GLY B 41 -9.08 23.77 -6.89
N LEU B 42 -7.85 24.10 -7.20
CA LEU B 42 -6.85 23.10 -7.54
C LEU B 42 -6.14 22.52 -6.32
N HIS B 43 -5.85 21.21 -6.43
CA HIS B 43 -5.09 20.50 -5.40
C HIS B 43 -4.05 19.64 -6.04
N GLY B 44 -2.78 19.84 -5.71
CA GLY B 44 -1.69 19.03 -6.26
C GLY B 44 -1.91 17.54 -5.96
N PHE B 45 -1.46 16.75 -6.92
CA PHE B 45 -1.78 15.30 -7.00
C PHE B 45 -0.55 14.58 -7.50
N HIS B 46 0.16 13.91 -6.57
CA HIS B 46 1.40 13.30 -6.88
C HIS B 46 1.59 11.87 -6.35
N VAL B 47 2.46 11.13 -7.02
CA VAL B 47 3.01 9.87 -6.46
C VAL B 47 4.31 10.24 -5.71
N HIS B 48 4.34 9.91 -4.42
CA HIS B 48 5.51 10.17 -3.58
C HIS B 48 6.31 8.88 -3.45
N GLU B 49 7.59 8.99 -3.12
CA GLU B 49 8.53 7.90 -3.25
C GLU B 49 8.24 6.62 -2.40
N PHE B 50 7.96 6.80 -1.14
CA PHE B 50 7.87 5.69 -0.17
C PHE B 50 6.41 5.36 0.07
N GLY B 51 6.07 4.06 0.15
CA GLY B 51 4.76 3.63 0.55
C GLY B 51 4.74 3.47 2.06
N ASP B 52 5.18 4.51 2.77
CA ASP B 52 5.36 4.51 4.22
C ASP B 52 4.38 5.50 4.84
N ASN B 53 3.41 4.99 5.58
CA ASN B 53 2.47 5.84 6.32
C ASN B 53 2.66 5.80 7.86
N THR B 54 3.87 5.49 8.30
CA THR B 54 4.09 5.24 9.73
C THR B 54 3.62 6.42 10.60
N ALA B 55 3.97 7.62 10.15
CA ALA B 55 3.64 8.82 10.91
C ALA B 55 2.67 9.70 10.14
N GLY B 56 1.87 9.09 9.28
CA GLY B 56 1.01 9.82 8.38
C GLY B 56 1.67 10.09 7.04
N CYS B 57 1.02 10.92 6.23
CA CYS B 57 1.48 11.24 4.89
C CYS B 57 2.90 11.83 4.79
N THR B 58 3.35 12.51 5.84
CA THR B 58 4.70 13.01 5.82
C THR B 58 5.77 11.90 5.64
N SER B 59 5.49 10.66 6.10
CA SER B 59 6.46 9.57 5.95
C SER B 59 6.75 9.14 4.49
N ALA B 60 5.88 9.57 3.57
CA ALA B 60 6.02 9.19 2.16
C ALA B 60 7.17 9.83 1.41
N GLY B 61 7.83 10.84 1.99
CA GLY B 61 8.96 11.42 1.37
C GLY B 61 8.66 12.36 0.20
N PRO B 62 9.68 12.58 -0.64
CA PRO B 62 9.61 13.53 -1.75
C PRO B 62 8.82 12.91 -2.95
N HIS B 63 8.59 13.68 -4.00
CA HIS B 63 8.00 13.12 -5.23
C HIS B 63 8.83 11.98 -5.83
N PHE B 64 8.14 10.97 -6.34
CA PHE B 64 8.83 9.81 -6.94
C PHE B 64 9.56 10.31 -8.20
N ASN B 65 10.90 10.16 -8.18
CA ASN B 65 11.75 10.81 -9.15
C ASN B 65 12.97 9.89 -9.50
N PRO B 66 12.70 8.71 -10.08
CA PRO B 66 13.78 7.81 -10.38
C PRO B 66 14.80 8.36 -11.39
N LEU B 67 14.40 9.33 -12.20
CA LEU B 67 15.27 9.86 -13.26
C LEU B 67 15.98 11.18 -12.87
N SER B 68 15.87 11.58 -11.61
CA SER B 68 16.57 12.79 -11.11
C SER B 68 16.31 14.02 -11.97
N ARG B 69 15.03 14.28 -12.21
CA ARG B 69 14.61 15.45 -12.98
C ARG B 69 14.06 16.51 -12.04
N LYS B 70 13.80 17.71 -12.56
CA LYS B 70 13.13 18.76 -11.79
CA LYS B 70 13.11 18.78 -11.81
C LYS B 70 11.60 18.60 -11.89
N HIS B 71 10.89 19.24 -10.96
CA HIS B 71 9.45 19.19 -10.91
C HIS B 71 8.81 19.86 -12.12
N GLY B 72 7.73 19.29 -12.58
CA GLY B 72 6.92 19.88 -13.63
C GLY B 72 5.50 19.39 -13.62
N GLY B 73 4.79 19.66 -14.70
CA GLY B 73 3.45 19.11 -14.87
C GLY B 73 3.46 17.86 -15.72
N PRO B 74 2.32 17.15 -15.82
CA PRO B 74 2.27 15.88 -16.54
C PRO B 74 2.54 15.95 -18.01
N LYS B 75 2.24 17.10 -18.64
CA LYS B 75 2.46 17.29 -20.06
C LYS B 75 3.86 17.89 -20.36
N ASP B 76 4.71 18.06 -19.35
CA ASP B 76 6.12 18.48 -19.55
C ASP B 76 7.09 17.31 -19.71
N GLU B 77 8.14 17.51 -20.50
CA GLU B 77 9.26 16.57 -20.52
C GLU B 77 10.05 16.56 -19.23
N GLU B 78 10.36 17.75 -18.74
CA GLU B 78 11.05 17.90 -17.48
C GLU B 78 10.04 17.80 -16.34
N ARG B 79 9.93 16.59 -15.77
CA ARG B 79 8.99 16.31 -14.69
C ARG B 79 9.53 15.12 -13.89
N HIS B 80 9.13 15.02 -12.63
CA HIS B 80 9.28 13.77 -11.87
C HIS B 80 8.30 12.74 -12.43
N VAL B 81 8.65 11.45 -12.34
CA VAL B 81 7.67 10.41 -12.72
C VAL B 81 6.35 10.61 -11.95
N GLY B 82 6.44 10.98 -10.68
CA GLY B 82 5.26 11.19 -9.84
C GLY B 82 4.40 12.40 -10.05
N ASP B 83 4.74 13.23 -11.04
CA ASP B 83 4.04 14.50 -11.26
C ASP B 83 2.75 14.35 -12.07
N LEU B 84 1.62 14.25 -11.34
CA LEU B 84 0.31 14.09 -11.98
C LEU B 84 -0.56 15.37 -11.96
N GLY B 85 0.06 16.52 -11.66
CA GLY B 85 -0.64 17.78 -11.84
C GLY B 85 -1.52 18.15 -10.70
N ASN B 86 -2.76 18.52 -11.04
CA ASN B 86 -3.73 18.96 -10.07
C ASN B 86 -5.04 18.23 -10.32
N VAL B 87 -5.79 17.99 -9.25
CA VAL B 87 -7.23 17.65 -9.38
C VAL B 87 -8.00 18.92 -8.98
N THR B 88 -9.16 19.12 -9.57
CA THR B 88 -9.91 20.36 -9.35
C THR B 88 -11.27 20.03 -8.70
N ALA B 89 -11.51 20.65 -7.55
CA ALA B 89 -12.78 20.49 -6.80
C ALA B 89 -13.72 21.69 -7.00
N ASP B 90 -15.01 21.40 -7.03
CA ASP B 90 -16.05 22.46 -7.13
C ASP B 90 -16.56 22.84 -5.74
N LYS B 91 -17.58 23.69 -5.69
CA LYS B 91 -18.18 24.08 -4.40
CA LYS B 91 -18.23 24.08 -4.44
C LYS B 91 -18.77 22.87 -3.69
N ASP B 92 -19.10 21.84 -4.45
CA ASP B 92 -19.59 20.59 -3.85
C ASP B 92 -18.52 19.84 -3.02
N ALA B 93 -17.28 20.31 -3.12
CA ALA B 93 -16.12 19.76 -2.37
C ALA B 93 -15.61 18.43 -2.94
N VAL B 94 -16.04 18.11 -4.16
CA VAL B 94 -15.66 16.90 -4.85
C VAL B 94 -14.79 17.17 -6.06
N ALA B 95 -13.68 16.43 -6.18
CA ALA B 95 -12.90 16.38 -7.41
C ALA B 95 -13.17 15.03 -8.09
N ASP B 96 -13.67 15.09 -9.32
CA ASP B 96 -13.76 13.96 -10.25
CA ASP B 96 -13.76 13.94 -10.23
C ASP B 96 -12.38 13.79 -10.90
N VAL B 97 -11.74 12.62 -10.75
CA VAL B 97 -10.41 12.40 -11.32
C VAL B 97 -10.52 11.62 -12.61
N SER B 98 -9.95 12.19 -13.67
CA SER B 98 -9.84 11.53 -14.95
C SER B 98 -8.55 11.98 -15.63
N ILE B 99 -7.57 11.06 -15.66
CA ILE B 99 -6.19 11.35 -16.08
C ILE B 99 -5.70 10.18 -16.98
N GLU B 100 -5.05 10.44 -18.10
CA GLU B 100 -4.21 9.41 -18.76
C GLU B 100 -2.77 9.90 -18.76
N ASP B 101 -1.85 9.03 -18.34
CA ASP B 101 -0.43 9.38 -18.25
C ASP B 101 0.47 8.32 -18.89
N SER B 102 1.47 8.75 -19.64
CA SER B 102 2.38 7.81 -20.32
C SER B 102 3.73 7.68 -19.63
N VAL B 103 3.93 8.34 -18.50
CA VAL B 103 5.19 8.31 -17.78
C VAL B 103 5.12 7.37 -16.58
N ILE B 104 4.07 7.46 -15.74
CA ILE B 104 3.92 6.42 -14.70
C ILE B 104 3.72 5.04 -15.36
N SER B 105 3.97 3.98 -14.57
CA SER B 105 3.72 2.63 -15.00
C SER B 105 3.30 1.77 -13.84
N LEU B 106 2.72 0.62 -14.13
CA LEU B 106 2.43 -0.36 -13.11
C LEU B 106 3.43 -1.55 -13.17
N SER B 107 4.54 -1.40 -13.90
CA SER B 107 5.68 -2.33 -13.81
C SER B 107 6.99 -1.64 -14.22
N GLY B 108 8.14 -2.29 -14.08
CA GLY B 108 9.42 -1.65 -14.45
C GLY B 108 9.91 -0.55 -13.53
N ASP B 109 10.87 0.26 -14.01
CA ASP B 109 11.57 1.23 -13.16
C ASP B 109 10.71 2.46 -12.83
N HIS B 110 9.63 2.66 -13.58
CA HIS B 110 8.69 3.74 -13.33
C HIS B 110 7.46 3.23 -12.58
N CYS B 111 7.53 2.01 -12.05
CA CYS B 111 6.40 1.42 -11.35
C CYS B 111 6.03 2.18 -10.09
N ILE B 112 4.74 2.45 -9.94
CA ILE B 112 4.21 3.19 -8.81
C ILE B 112 3.53 2.33 -7.71
N ILE B 113 3.36 1.02 -7.96
CA ILE B 113 2.80 0.15 -6.97
C ILE B 113 3.76 0.14 -5.75
N GLY B 114 3.17 0.21 -4.56
CA GLY B 114 3.94 0.22 -3.33
C GLY B 114 4.41 1.59 -2.92
N ARG B 115 4.06 2.60 -3.72
CA ARG B 115 4.42 4.00 -3.43
C ARG B 115 3.15 4.70 -2.91
N THR B 116 3.20 6.00 -2.63
CA THR B 116 2.10 6.68 -1.98
C THR B 116 1.52 7.75 -2.91
N LEU B 117 0.21 7.74 -3.08
CA LEU B 117 -0.46 8.82 -3.78
C LEU B 117 -0.94 9.85 -2.76
N VAL B 118 -0.73 11.14 -3.06
CA VAL B 118 -1.01 12.22 -2.10
C VAL B 118 -1.82 13.31 -2.82
N VAL B 119 -2.85 13.82 -2.16
CA VAL B 119 -3.57 15.02 -2.63
C VAL B 119 -3.30 16.15 -1.59
N HIS B 120 -2.93 17.30 -2.12
CA HIS B 120 -2.41 18.45 -1.38
C HIS B 120 -3.43 19.59 -1.08
N GLU B 121 -3.03 20.43 -0.14
CA GLU B 121 -3.78 21.58 0.34
C GLU B 121 -4.11 22.63 -0.75
N LYS B 122 -3.11 22.91 -1.57
CA LYS B 122 -3.14 24.04 -2.50
C LYS B 122 -2.81 23.57 -3.95
N ALA B 123 -2.83 24.50 -4.88
CA ALA B 123 -2.41 24.23 -6.25
C ALA B 123 -0.89 23.90 -6.47
N ASP B 124 -0.61 22.91 -7.35
CA ASP B 124 0.69 22.70 -7.98
C ASP B 124 0.86 23.72 -9.12
N ASP B 125 1.91 24.52 -9.05
CA ASP B 125 2.20 25.50 -10.10
C ASP B 125 2.92 24.91 -11.31
N LEU B 126 3.12 23.60 -11.29
CA LEU B 126 3.63 22.83 -12.45
C LEU B 126 5.04 23.21 -12.82
N GLY B 127 5.78 23.67 -11.81
CA GLY B 127 7.13 24.16 -11.97
C GLY B 127 7.27 25.51 -12.65
N LYS B 128 6.16 26.22 -12.84
CA LYS B 128 6.15 27.53 -13.56
C LYS B 128 6.03 28.71 -12.60
N GLY B 129 6.34 28.48 -11.32
CA GLY B 129 6.11 29.49 -10.32
C GLY B 129 7.22 30.51 -10.11
N GLY B 130 8.37 30.25 -10.70
CA GLY B 130 9.51 31.20 -10.70
C GLY B 130 10.27 31.27 -9.40
N ASN B 131 10.15 30.23 -8.56
CA ASN B 131 10.97 30.15 -7.35
C ASN B 131 11.61 28.79 -7.23
N GLU B 132 12.56 28.66 -6.31
CA GLU B 132 13.29 27.41 -6.17
C GLU B 132 12.36 26.30 -5.76
N GLU B 133 11.37 26.63 -4.93
CA GLU B 133 10.44 25.61 -4.45
C GLU B 133 9.54 25.04 -5.57
N SER B 134 9.23 25.88 -6.55
CA SER B 134 8.43 25.46 -7.70
C SER B 134 9.07 24.28 -8.41
N THR B 135 10.41 24.26 -8.45
CA THR B 135 11.18 23.22 -9.15
C THR B 135 11.39 21.92 -8.36
N LYS B 136 10.88 21.88 -7.13
CA LYS B 136 10.93 20.69 -6.28
C LYS B 136 9.55 20.15 -5.93
N THR B 137 8.63 20.99 -5.45
CA THR B 137 7.33 20.50 -4.99
C THR B 137 6.13 21.12 -5.71
N GLY B 138 6.38 22.18 -6.47
CA GLY B 138 5.33 22.94 -7.12
C GLY B 138 4.50 23.78 -6.17
N ASN B 139 4.94 23.93 -4.92
CA ASN B 139 4.29 24.81 -3.91
C ASN B 139 2.86 24.38 -3.56
N ALA B 140 2.61 23.08 -3.59
CA ALA B 140 1.26 22.60 -3.36
C ALA B 140 0.78 22.43 -1.90
N GLY B 141 1.65 22.66 -0.92
CA GLY B 141 1.18 22.79 0.42
C GLY B 141 1.17 21.46 1.16
N SER B 142 0.41 21.44 2.24
CA SER B 142 0.36 20.29 3.13
C SER B 142 -0.32 19.12 2.45
N ARG B 143 -0.17 17.95 3.07
CA ARG B 143 -0.69 16.69 2.54
C ARG B 143 -2.02 16.42 3.23
N LEU B 144 -3.10 16.50 2.48
CA LEU B 144 -4.41 16.37 3.10
C LEU B 144 -4.85 14.92 3.27
N ALA B 145 -4.51 14.06 2.32
CA ALA B 145 -4.90 12.66 2.33
C ALA B 145 -3.93 11.87 1.45
N CYS B 146 -3.78 10.58 1.72
CA CYS B 146 -2.82 9.76 0.99
C CYS B 146 -3.16 8.29 1.24
N GLY B 147 -2.59 7.47 0.40
CA GLY B 147 -2.62 6.03 0.58
C GLY B 147 -1.53 5.33 -0.18
N VAL B 148 -1.32 4.04 0.14
CA VAL B 148 -0.36 3.24 -0.60
C VAL B 148 -1.05 2.65 -1.83
N ILE B 149 -0.38 2.67 -2.97
CA ILE B 149 -0.92 2.12 -4.21
C ILE B 149 -0.73 0.62 -4.25
N GLY B 150 -1.83 -0.12 -4.37
CA GLY B 150 -1.75 -1.59 -4.27
C GLY B 150 -2.21 -2.26 -5.54
N ILE B 151 -1.83 -3.52 -5.71
CA ILE B 151 -2.24 -4.37 -6.83
CA ILE B 151 -2.27 -4.29 -6.88
C ILE B 151 -3.74 -4.70 -6.71
N ALA B 152 -4.49 -4.58 -7.81
CA ALA B 152 -5.95 -4.79 -7.80
C ALA B 152 -6.26 -6.00 -8.66
N GLN B 153 -7.44 -6.55 -8.36
CA GLN B 153 -8.03 -7.68 -9.06
C GLN B 153 -8.43 -7.29 -10.49
#